data_5C5U
#
_entry.id   5C5U
#
_cell.length_a   33.770
_cell.length_b   157.670
_cell.length_c   41.010
_cell.angle_alpha   90.00
_cell.angle_beta   90.02
_cell.angle_gamma   90.00
#
_symmetry.space_group_name_H-M   'P 1 21 1'
#
loop_
_entity.id
_entity.type
_entity.pdbx_description
1 polymer 'Prolyl 4-hydroxylase'
2 non-polymer 'MANGANESE (II) ION'
3 non-polymer 'UNKNOWN ATOM OR ION'
4 non-polymer 'ACETATE ION'
5 water water
#
_entity_poly.entity_id   1
_entity_poly.type   'polypeptide(L)'
_entity_poly.pdbx_seq_one_letter_code
;MGSSHHHHHHSSGLVPRGSHMEGFETSDRPGVCDGKYYEKIDGFLSDIECDVLINAAIKKGLIKSEVGGATENDPIKLDP
KSRNSEQTWFMPGEHEVIDKIQKKTREFLNSKKHCIDKYNFEDVQVARYKPGQYYYHHYDGDDCDDACPKDQRLATLMVY
LKAPEEGGGGETDFPTLKTKIKPKKGTSIFFWVADPVTRKLYKETLHAGLPVKSGEKIIANQWIRAVK
;
_entity_poly.pdbx_strand_id   A,B
#
loop_
_chem_comp.id
_chem_comp.type
_chem_comp.name
_chem_comp.formula
ACT non-polymer 'ACETATE ION' 'C2 H3 O2 -1'
MN non-polymer 'MANGANESE (II) ION' 'Mn 2'
UNX non-polymer 'UNKNOWN ATOM OR ION' ?
#
# COMPACT_ATOMS: atom_id res chain seq x y z
N HIS A 20 -26.18 8.89 -8.34
CA HIS A 20 -25.49 8.52 -7.07
C HIS A 20 -25.55 9.68 -6.08
N MET A 21 -26.78 10.06 -5.75
CA MET A 21 -27.04 11.15 -4.82
C MET A 21 -27.82 10.64 -3.62
N GLU A 22 -27.40 11.06 -2.43
CA GLU A 22 -28.08 10.66 -1.21
C GLU A 22 -29.48 11.28 -1.15
N GLY A 23 -29.58 12.53 -1.60
CA GLY A 23 -30.86 13.22 -1.66
C GLY A 23 -31.62 12.82 -2.92
N PHE A 24 -32.93 12.67 -2.80
CA PHE A 24 -33.71 12.18 -3.95
C PHE A 24 -33.70 13.15 -5.11
N GLU A 25 -33.41 12.61 -6.28
CA GLU A 25 -33.55 13.34 -7.53
C GLU A 25 -34.13 12.39 -8.58
N THR A 26 -35.20 12.82 -9.24
CA THR A 26 -35.78 12.03 -10.31
C THR A 26 -34.76 11.91 -11.44
N SER A 27 -34.73 10.76 -12.10
CA SER A 27 -33.78 10.50 -13.16
C SER A 27 -34.47 9.90 -14.37
N ASP A 28 -34.50 10.64 -15.47
CA ASP A 28 -35.11 10.17 -16.71
C ASP A 28 -34.06 10.13 -17.81
N ARG A 29 -32.84 9.79 -17.43
CA ARG A 29 -31.71 9.72 -18.36
C ARG A 29 -31.65 8.36 -19.04
N PRO A 30 -30.91 8.27 -20.16
CA PRO A 30 -30.76 6.98 -20.83
C PRO A 30 -29.97 5.99 -19.98
N GLY A 31 -30.29 4.71 -20.12
CA GLY A 31 -29.60 3.69 -19.35
C GLY A 31 -28.23 3.40 -19.92
N VAL A 32 -27.37 2.80 -19.09
CA VAL A 32 -26.06 2.38 -19.52
C VAL A 32 -26.08 0.85 -19.61
N CYS A 33 -25.23 0.30 -20.47
CA CYS A 33 -25.12 -1.15 -20.65
C CYS A 33 -25.06 -1.93 -19.33
N ASP A 34 -26.08 -2.77 -19.11
CA ASP A 34 -26.15 -3.66 -17.95
C ASP A 34 -26.08 -2.90 -16.62
N GLY A 35 -26.37 -1.59 -16.67
CA GLY A 35 -26.28 -0.75 -15.49
C GLY A 35 -24.87 -0.59 -14.95
N LYS A 36 -23.87 -0.91 -15.77
CA LYS A 36 -22.47 -0.82 -15.35
C LYS A 36 -21.71 0.27 -16.12
N TYR A 37 -21.42 1.39 -15.47
CA TYR A 37 -20.66 2.48 -16.08
C TYR A 37 -19.19 2.13 -16.27
N TYR A 38 -18.67 1.33 -15.34
CA TYR A 38 -17.30 0.86 -15.40
C TYR A 38 -17.22 -0.57 -14.90
N GLU A 39 -16.20 -1.28 -15.38
CA GLU A 39 -15.93 -2.65 -14.97
C GLU A 39 -14.43 -2.85 -14.84
N LYS A 40 -14.02 -3.54 -13.78
CA LYS A 40 -12.60 -3.75 -13.49
C LYS A 40 -12.22 -5.22 -13.63
N ILE A 41 -11.08 -5.48 -14.28
CA ILE A 41 -10.55 -6.84 -14.40
C ILE A 41 -9.12 -6.90 -13.88
N ASP A 42 -8.89 -7.66 -12.82
CA ASP A 42 -7.52 -7.91 -12.37
C ASP A 42 -6.85 -8.94 -13.28
N GLY A 43 -5.55 -8.77 -13.48
CA GLY A 43 -4.77 -9.70 -14.30
C GLY A 43 -5.12 -9.71 -15.77
N PHE A 44 -5.58 -8.57 -16.28
CA PHE A 44 -5.83 -8.39 -17.71
C PHE A 44 -4.54 -8.59 -18.48
N LEU A 45 -3.46 -8.03 -17.93
CA LEU A 45 -2.12 -8.34 -18.40
C LEU A 45 -1.35 -8.87 -17.20
N SER A 46 -0.34 -9.70 -17.46
CA SER A 46 0.55 -10.15 -16.40
C SER A 46 1.54 -9.06 -16.04
N ASP A 47 2.18 -9.19 -14.89
CA ASP A 47 3.19 -8.23 -14.48
C ASP A 47 4.32 -8.14 -15.51
N ILE A 48 4.79 -9.30 -15.97
CA ILE A 48 5.85 -9.37 -16.97
C ILE A 48 5.45 -8.62 -18.24
N GLU A 49 4.23 -8.83 -18.71
CA GLU A 49 3.75 -8.20 -19.93
C GLU A 49 3.75 -6.68 -19.79
N CYS A 50 3.36 -6.20 -18.61
CA CYS A 50 3.38 -4.78 -18.30
C CYS A 50 4.78 -4.21 -18.43
N ASP A 51 5.75 -4.90 -17.84
CA ASP A 51 7.13 -4.41 -17.87
C ASP A 51 7.69 -4.44 -19.28
N VAL A 52 7.39 -5.49 -20.03
CA VAL A 52 7.80 -5.59 -21.42
C VAL A 52 7.27 -4.39 -22.21
N LEU A 53 6.00 -4.06 -22.01
CA LEU A 53 5.39 -2.97 -22.75
C LEU A 53 5.93 -1.61 -22.33
N ILE A 54 6.11 -1.41 -21.03
CA ILE A 54 6.71 -0.18 -20.52
C ILE A 54 8.05 0.05 -21.21
N ASN A 55 8.87 -0.98 -21.26
CA ASN A 55 10.20 -0.84 -21.85
C ASN A 55 10.14 -0.52 -23.34
N ALA A 56 9.21 -1.13 -24.06
CA ALA A 56 9.01 -0.82 -25.48
C ALA A 56 8.64 0.66 -25.67
N ALA A 57 7.75 1.15 -24.80
CA ALA A 57 7.32 2.55 -24.84
C ALA A 57 8.45 3.52 -24.50
N ILE A 58 9.32 3.14 -23.56
CA ILE A 58 10.45 3.98 -23.21
C ILE A 58 11.37 4.12 -24.43
N LYS A 59 11.58 3.02 -25.14
CA LYS A 59 12.45 3.02 -26.31
C LYS A 59 11.83 3.82 -27.47
N LYS A 60 10.54 4.08 -27.38
CA LYS A 60 9.84 4.91 -28.36
C LYS A 60 9.76 6.38 -27.93
N GLY A 61 10.39 6.70 -26.80
CA GLY A 61 10.46 8.07 -26.31
C GLY A 61 9.39 8.48 -25.31
N LEU A 62 8.92 7.55 -24.48
CA LEU A 62 7.86 7.86 -23.53
C LEU A 62 8.26 8.96 -22.54
N ILE A 63 9.50 8.91 -22.08
CA ILE A 63 9.95 9.79 -21.01
C ILE A 63 10.71 10.97 -21.58
N LYS A 64 10.22 12.16 -21.28
CA LYS A 64 10.85 13.41 -21.69
C LYS A 64 11.28 14.22 -20.48
N GLU A 86 3.81 13.21 -21.37
CA GLU A 86 4.60 12.02 -21.69
C GLU A 86 3.69 10.91 -22.21
N GLN A 87 3.76 10.67 -23.50
CA GLN A 87 2.92 9.69 -24.15
C GLN A 87 3.55 9.20 -25.45
N THR A 88 3.25 7.96 -25.82
CA THR A 88 3.61 7.43 -27.13
C THR A 88 2.52 6.48 -27.59
N TRP A 89 2.48 6.19 -28.89
CA TRP A 89 1.41 5.39 -29.48
C TRP A 89 1.97 4.26 -30.33
N PHE A 90 1.17 3.19 -30.48
CA PHE A 90 1.59 1.99 -31.20
C PHE A 90 0.72 1.70 -32.42
N MET A 91 1.34 1.18 -33.47
CA MET A 91 0.63 0.67 -34.63
C MET A 91 0.06 -0.71 -34.33
N PRO A 92 -1.03 -1.10 -35.01
CA PRO A 92 -1.38 -2.51 -34.89
C PRO A 92 -0.25 -3.38 -35.42
N GLY A 93 0.11 -4.42 -34.68
CA GLY A 93 1.15 -5.34 -35.11
C GLY A 93 2.56 -4.92 -34.75
N GLU A 94 2.69 -3.76 -34.11
CA GLU A 94 4.01 -3.27 -33.73
C GLU A 94 4.53 -4.02 -32.50
N HIS A 95 3.63 -4.36 -31.60
CA HIS A 95 4.03 -4.98 -30.33
C HIS A 95 3.04 -6.04 -29.89
N GLU A 96 3.55 -7.15 -29.38
CA GLU A 96 2.69 -8.29 -29.05
C GLU A 96 1.75 -7.99 -27.87
N VAL A 97 2.22 -7.22 -26.90
CA VAL A 97 1.40 -6.91 -25.73
C VAL A 97 0.27 -5.96 -26.11
N ILE A 98 0.56 -4.99 -26.98
CA ILE A 98 -0.49 -4.11 -27.50
C ILE A 98 -1.51 -4.95 -28.26
N ASP A 99 -1.03 -5.88 -29.06
CA ASP A 99 -1.92 -6.73 -29.83
C ASP A 99 -2.81 -7.56 -28.90
N LYS A 100 -2.28 -7.98 -27.76
CA LYS A 100 -3.07 -8.71 -26.75
C LYS A 100 -4.15 -7.79 -26.17
N ILE A 101 -3.80 -6.55 -25.87
CA ILE A 101 -4.76 -5.57 -25.36
C ILE A 101 -5.97 -5.45 -26.29
N GLN A 102 -5.73 -5.21 -27.58
CA GLN A 102 -6.83 -5.06 -28.54
C GLN A 102 -7.63 -6.35 -28.67
N LYS A 103 -6.93 -7.47 -28.72
CA LYS A 103 -7.57 -8.79 -28.80
C LYS A 103 -8.55 -8.99 -27.65
N LYS A 104 -8.08 -8.77 -26.43
CA LYS A 104 -8.91 -9.00 -25.26
C LYS A 104 -10.01 -7.94 -25.11
N THR A 105 -9.78 -6.73 -25.61
CA THR A 105 -10.82 -5.70 -25.61
C THR A 105 -11.97 -6.15 -26.52
N ARG A 106 -11.64 -6.67 -27.69
CA ARG A 106 -12.64 -7.19 -28.62
C ARG A 106 -13.43 -8.34 -27.99
N GLU A 107 -12.71 -9.25 -27.34
CA GLU A 107 -13.35 -10.37 -26.66
C GLU A 107 -14.32 -9.91 -25.58
N PHE A 108 -13.94 -8.88 -24.84
CA PHE A 108 -14.83 -8.28 -23.85
C PHE A 108 -16.07 -7.69 -24.52
N LEU A 109 -15.87 -6.99 -25.63
CA LEU A 109 -16.96 -6.31 -26.32
C LEU A 109 -17.90 -7.31 -27.02
N ASN A 110 -17.39 -8.50 -27.30
CA ASN A 110 -18.21 -9.56 -27.86
C ASN A 110 -19.32 -9.92 -26.89
N SER A 111 -19.05 -9.77 -25.59
CA SER A 111 -20.03 -10.10 -24.55
C SER A 111 -21.02 -8.95 -24.35
N LYS A 112 -20.85 -7.87 -25.11
CA LYS A 112 -21.70 -6.68 -24.99
C LYS A 112 -22.40 -6.34 -26.30
N LYS A 113 -22.69 -7.34 -27.13
CA LYS A 113 -23.27 -7.04 -28.44
C LYS A 113 -24.72 -6.57 -28.32
N HIS A 114 -25.32 -6.74 -27.15
CA HIS A 114 -26.65 -6.20 -26.88
C HIS A 114 -26.60 -4.70 -26.57
N CYS A 115 -25.40 -4.16 -26.45
CA CYS A 115 -25.21 -2.75 -26.12
C CYS A 115 -24.51 -1.99 -27.24
N ILE A 116 -23.62 -2.67 -27.93
CA ILE A 116 -22.82 -2.05 -28.98
C ILE A 116 -22.80 -3.00 -30.17
N ASP A 117 -22.68 -2.44 -31.37
CA ASP A 117 -22.61 -3.24 -32.58
C ASP A 117 -21.31 -2.94 -33.33
N LYS A 118 -21.35 -1.99 -34.26
CA LYS A 118 -20.17 -1.62 -35.01
C LYS A 118 -19.31 -0.65 -34.20
N TYR A 119 -18.00 -0.87 -34.24
CA TYR A 119 -17.07 0.02 -33.58
C TYR A 119 -15.70 -0.12 -34.23
N ASN A 120 -14.82 0.82 -33.92
CA ASN A 120 -13.48 0.84 -34.46
C ASN A 120 -12.49 1.12 -33.33
N PHE A 121 -11.32 0.50 -33.40
CA PHE A 121 -10.25 0.73 -32.43
C PHE A 121 -9.30 1.84 -32.85
N GLU A 122 -9.02 2.77 -31.93
CA GLU A 122 -7.90 3.68 -32.12
C GLU A 122 -6.63 2.90 -31.85
N ASP A 123 -5.50 3.42 -32.33
CA ASP A 123 -4.21 2.89 -31.93
C ASP A 123 -4.08 3.06 -30.42
N VAL A 124 -3.34 2.16 -29.77
CA VAL A 124 -3.19 2.22 -28.33
C VAL A 124 -2.14 3.25 -27.94
N GLN A 125 -2.50 4.04 -26.91
CA GLN A 125 -1.60 5.02 -26.31
C GLN A 125 -1.01 4.47 -25.01
N VAL A 126 0.25 4.81 -24.74
CA VAL A 126 0.84 4.59 -23.42
C VAL A 126 1.26 5.95 -22.88
N ALA A 127 0.85 6.24 -21.64
CA ALA A 127 1.07 7.53 -21.03
C ALA A 127 1.62 7.40 -19.60
N ARG A 128 2.47 8.34 -19.22
CA ARG A 128 3.12 8.31 -17.91
C ARG A 128 2.78 9.55 -17.08
N TYR A 129 2.61 9.34 -15.78
CA TYR A 129 2.29 10.41 -14.84
C TYR A 129 3.27 10.36 -13.69
N LYS A 130 3.65 11.54 -13.20
CA LYS A 130 4.64 11.65 -12.13
C LYS A 130 4.27 12.81 -11.21
N PRO A 131 4.87 12.87 -10.01
CA PRO A 131 4.47 13.90 -9.06
C PRO A 131 4.62 15.34 -9.59
N GLY A 132 3.75 16.23 -9.11
CA GLY A 132 3.82 17.64 -9.47
C GLY A 132 3.29 17.93 -10.86
N GLN A 133 2.45 17.05 -11.38
CA GLN A 133 1.92 17.20 -12.74
C GLN A 133 0.50 17.78 -12.73
N TYR A 134 0.21 18.57 -13.76
CA TYR A 134 -1.12 19.13 -13.96
C TYR A 134 -2.13 18.04 -14.30
N TYR A 135 -3.35 18.17 -13.79
CA TYR A 135 -4.42 17.22 -14.07
C TYR A 135 -5.74 17.98 -14.11
N TYR A 136 -6.76 17.38 -14.72
CA TYR A 136 -8.06 18.04 -14.86
C TYR A 136 -9.16 17.03 -15.17
N HIS A 137 -10.33 17.19 -14.56
CA HIS A 137 -11.45 16.30 -14.85
C HIS A 137 -12.04 16.61 -16.22
N HIS A 138 -12.29 15.55 -16.99
CA HIS A 138 -12.68 15.68 -18.39
C HIS A 138 -13.51 14.48 -18.84
N TYR A 139 -14.05 14.58 -20.06
CA TYR A 139 -14.66 13.44 -20.72
C TYR A 139 -13.73 12.98 -21.83
N ASP A 140 -13.79 11.71 -22.18
CA ASP A 140 -12.93 11.17 -23.23
C ASP A 140 -13.50 11.43 -24.63
N GLY A 141 -14.77 11.82 -24.68
CA GLY A 141 -15.42 12.10 -25.95
C GLY A 141 -15.81 13.55 -26.15
N ASP A 142 -16.51 13.81 -27.26
CA ASP A 142 -17.01 15.12 -27.60
C ASP A 142 -18.31 15.37 -26.84
N ASP A 143 -18.35 16.46 -26.07
CA ASP A 143 -19.57 16.80 -25.34
C ASP A 143 -20.56 17.46 -26.28
N CYS A 144 -21.43 16.65 -26.86
CA CYS A 144 -22.31 17.09 -27.94
C CYS A 144 -23.77 16.87 -27.57
N ASP A 145 -24.67 17.51 -28.31
CA ASP A 145 -26.09 17.34 -28.10
C ASP A 145 -26.80 17.00 -29.41
N ASP A 146 -26.94 17.98 -30.29
CA ASP A 146 -27.60 17.77 -31.58
C ASP A 146 -26.62 17.60 -32.73
N ALA A 147 -25.33 17.77 -32.45
CA ALA A 147 -24.30 17.67 -33.49
C ALA A 147 -23.18 16.73 -33.06
N CYS A 148 -23.52 15.49 -32.76
CA CYS A 148 -22.55 14.51 -32.29
C CYS A 148 -21.75 13.89 -33.45
N PRO A 149 -20.43 13.76 -33.29
CA PRO A 149 -19.62 13.20 -34.36
C PRO A 149 -19.96 11.73 -34.64
N LYS A 150 -19.91 11.33 -35.90
CA LYS A 150 -20.25 9.96 -36.28
C LYS A 150 -19.23 8.96 -35.73
N ASP A 151 -18.01 9.44 -35.47
CA ASP A 151 -16.94 8.63 -34.92
C ASP A 151 -16.66 8.98 -33.45
N GLN A 152 -17.71 9.37 -32.73
CA GLN A 152 -17.64 9.57 -31.29
C GLN A 152 -16.93 8.41 -30.59
N ARG A 153 -16.14 8.72 -29.56
CA ARG A 153 -15.61 7.69 -28.68
C ARG A 153 -16.72 7.17 -27.79
N LEU A 154 -16.96 5.87 -27.85
CA LEU A 154 -18.05 5.23 -27.14
C LEU A 154 -17.61 4.67 -25.79
N ALA A 155 -16.34 4.31 -25.69
CA ALA A 155 -15.83 3.74 -24.46
C ALA A 155 -14.31 3.75 -24.42
N THR A 156 -13.78 3.42 -23.24
CA THR A 156 -12.34 3.37 -22.97
C THR A 156 -11.99 2.12 -22.17
N LEU A 157 -10.99 1.38 -22.60
CA LEU A 157 -10.42 0.35 -21.76
C LEU A 157 -8.99 0.73 -21.43
N MET A 158 -8.72 0.99 -20.17
CA MET A 158 -7.39 1.39 -19.74
C MET A 158 -6.75 0.29 -18.91
N VAL A 159 -5.43 0.16 -19.03
CA VAL A 159 -4.66 -0.84 -18.30
C VAL A 159 -3.57 -0.14 -17.50
N TYR A 160 -3.51 -0.44 -16.21
CA TYR A 160 -2.43 0.06 -15.37
C TYR A 160 -1.19 -0.80 -15.60
N LEU A 161 -0.14 -0.20 -16.14
CA LEU A 161 1.09 -0.94 -16.43
C LEU A 161 2.07 -0.81 -15.28
N LYS A 162 2.08 0.36 -14.64
CA LYS A 162 2.84 0.59 -13.41
C LYS A 162 2.00 1.40 -12.45
N ALA A 163 2.04 1.03 -11.17
CA ALA A 163 1.28 1.71 -10.13
C ALA A 163 2.18 2.63 -9.29
N PRO A 164 1.58 3.68 -8.69
CA PRO A 164 2.32 4.48 -7.71
C PRO A 164 2.81 3.64 -6.52
N GLU A 165 3.71 4.21 -5.73
CA GLU A 165 4.25 3.50 -4.58
C GLU A 165 3.25 3.51 -3.43
N GLU A 166 3.65 2.97 -2.28
CA GLU A 166 2.81 3.03 -1.09
C GLU A 166 2.51 4.49 -0.78
N GLY A 167 1.26 4.77 -0.47
CA GLY A 167 0.82 6.14 -0.19
C GLY A 167 1.06 7.06 -1.37
N GLY A 168 1.01 6.49 -2.58
CA GLY A 168 1.39 7.22 -3.76
C GLY A 168 0.27 7.92 -4.51
N GLY A 169 -0.95 7.89 -3.97
CA GLY A 169 -2.08 8.49 -4.63
C GLY A 169 -2.29 8.02 -6.06
N GLY A 170 -2.49 8.97 -6.97
CA GLY A 170 -2.62 8.67 -8.38
C GLY A 170 -3.85 7.86 -8.76
N GLU A 171 -4.90 7.93 -7.94
CA GLU A 171 -6.11 7.17 -8.24
C GLU A 171 -6.80 7.68 -9.48
N THR A 172 -7.54 6.80 -10.15
CA THR A 172 -8.49 7.22 -11.17
C THR A 172 -9.74 7.70 -10.44
N ASP A 173 -10.15 8.94 -10.71
CA ASP A 173 -11.26 9.56 -10.01
C ASP A 173 -12.51 9.67 -10.87
N PHE A 174 -13.63 9.15 -10.36
CA PHE A 174 -14.92 9.30 -11.01
C PHE A 174 -15.83 10.06 -10.06
N PRO A 175 -15.66 11.39 -9.98
CA PRO A 175 -16.29 12.19 -8.92
C PRO A 175 -17.81 12.17 -8.95
N THR A 176 -18.39 12.05 -10.13
CA THR A 176 -19.84 12.05 -10.27
C THR A 176 -20.43 10.73 -9.78
N LEU A 177 -19.69 9.63 -9.97
CA LEU A 177 -20.12 8.33 -9.45
C LEU A 177 -19.65 8.13 -8.00
N LYS A 178 -18.79 9.03 -7.52
CA LYS A 178 -18.32 9.04 -6.14
C LYS A 178 -17.50 7.79 -5.84
N THR A 179 -16.57 7.49 -6.74
CA THR A 179 -15.62 6.40 -6.54
C THR A 179 -14.27 6.74 -7.15
N LYS A 180 -13.23 6.18 -6.55
CA LYS A 180 -11.89 6.18 -7.11
C LYS A 180 -11.48 4.73 -7.35
N ILE A 181 -10.50 4.54 -8.24
CA ILE A 181 -9.92 3.23 -8.47
C ILE A 181 -8.44 3.31 -8.13
N LYS A 182 -8.00 2.49 -7.18
CA LYS A 182 -6.58 2.40 -6.86
C LYS A 182 -5.87 1.65 -8.00
N PRO A 183 -4.88 2.29 -8.63
CA PRO A 183 -4.10 1.57 -9.64
C PRO A 183 -3.52 0.27 -9.10
N LYS A 184 -3.54 -0.76 -9.94
CA LYS A 184 -2.89 -2.04 -9.65
C LYS A 184 -2.31 -2.57 -10.95
N LYS A 185 -1.04 -2.91 -10.92
CA LYS A 185 -0.35 -3.41 -12.11
C LYS A 185 -1.10 -4.60 -12.71
N GLY A 186 -1.37 -4.53 -14.01
CA GLY A 186 -2.01 -5.62 -14.72
C GLY A 186 -3.52 -5.48 -14.81
N THR A 187 -4.08 -4.58 -14.02
CA THR A 187 -5.53 -4.42 -13.93
C THR A 187 -6.08 -3.51 -15.03
N SER A 188 -7.24 -3.87 -15.56
CA SER A 188 -7.92 -3.05 -16.55
C SER A 188 -9.18 -2.39 -15.98
N ILE A 189 -9.46 -1.17 -16.45
CA ILE A 189 -10.72 -0.51 -16.20
C ILE A 189 -11.40 -0.22 -17.53
N PHE A 190 -12.59 -0.78 -17.73
CA PHE A 190 -13.41 -0.46 -18.88
C PHE A 190 -14.48 0.52 -18.43
N PHE A 191 -14.67 1.61 -19.17
CA PHE A 191 -15.82 2.46 -18.87
C PHE A 191 -16.45 3.08 -20.13
N TRP A 192 -17.74 3.33 -20.02
CA TRP A 192 -18.50 3.90 -21.13
C TRP A 192 -18.29 5.41 -21.18
N VAL A 193 -18.22 5.92 -22.40
CA VAL A 193 -17.97 7.33 -22.64
C VAL A 193 -19.20 7.99 -23.28
N ALA A 194 -19.80 7.31 -24.26
CA ALA A 194 -20.97 7.83 -24.97
C ALA A 194 -21.95 6.71 -25.30
N ASP A 195 -23.22 7.09 -25.36
CA ASP A 195 -24.33 6.21 -25.77
C ASP A 195 -24.15 5.76 -27.22
N PRO A 196 -24.02 4.44 -27.45
CA PRO A 196 -23.92 3.97 -28.84
C PRO A 196 -25.07 4.42 -29.73
N VAL A 197 -26.24 4.68 -29.16
CA VAL A 197 -27.42 5.06 -29.93
C VAL A 197 -27.38 6.52 -30.36
N THR A 198 -27.26 7.42 -29.38
CA THR A 198 -27.32 8.86 -29.65
C THR A 198 -25.93 9.49 -29.81
N ARG A 199 -24.91 8.76 -29.37
CA ARG A 199 -23.53 9.24 -29.37
C ARG A 199 -23.31 10.44 -28.44
N LYS A 200 -24.30 10.73 -27.59
CA LYS A 200 -24.14 11.73 -26.54
C LYS A 200 -23.29 11.15 -25.41
N LEU A 201 -22.56 12.01 -24.71
CA LEU A 201 -21.73 11.56 -23.60
C LEU A 201 -22.55 11.03 -22.43
N TYR A 202 -21.98 10.05 -21.75
CA TYR A 202 -22.37 9.73 -20.38
C TYR A 202 -21.59 10.68 -19.47
N LYS A 203 -22.25 11.73 -18.99
CA LYS A 203 -21.55 12.69 -18.15
C LYS A 203 -21.14 12.05 -16.82
N GLU A 204 -21.76 10.92 -16.48
CA GLU A 204 -21.44 10.19 -15.27
C GLU A 204 -19.96 9.75 -15.22
N THR A 205 -19.33 9.57 -16.37
CA THR A 205 -17.95 9.07 -16.40
C THR A 205 -16.92 10.20 -16.60
N LEU A 206 -17.27 11.41 -16.16
CA LEU A 206 -16.29 12.45 -15.94
C LEU A 206 -15.17 11.85 -15.08
N HIS A 207 -13.92 12.10 -15.43
CA HIS A 207 -12.82 11.48 -14.71
C HIS A 207 -11.51 12.24 -14.79
N ALA A 208 -10.59 11.85 -13.91
CA ALA A 208 -9.23 12.34 -13.93
C ALA A 208 -8.30 11.31 -13.31
N GLY A 209 -7.02 11.41 -13.65
CA GLY A 209 -5.99 10.79 -12.84
C GLY A 209 -5.56 11.79 -11.79
N LEU A 210 -5.74 11.45 -10.52
CA LEU A 210 -5.34 12.37 -9.45
C LEU A 210 -3.81 12.43 -9.35
N PRO A 211 -3.30 13.48 -8.70
CA PRO A 211 -1.83 13.62 -8.60
C PRO A 211 -1.14 12.40 -8.00
N VAL A 212 -0.06 11.99 -8.65
CA VAL A 212 0.82 10.97 -8.10
C VAL A 212 1.65 11.63 -7.02
N LYS A 213 1.70 11.00 -5.85
CA LYS A 213 2.40 11.58 -4.71
C LYS A 213 3.75 10.90 -4.46
N SER A 214 3.89 9.68 -4.98
CA SER A 214 5.12 8.92 -4.84
C SER A 214 5.26 7.95 -6.00
N GLY A 215 6.45 7.91 -6.58
CA GLY A 215 6.73 6.99 -7.67
C GLY A 215 6.21 7.50 -9.00
N GLU A 216 5.64 6.59 -9.78
CA GLU A 216 5.07 6.96 -11.07
C GLU A 216 3.89 6.05 -11.41
N LYS A 217 3.17 6.43 -12.47
CA LYS A 217 2.08 5.63 -12.99
C LYS A 217 2.10 5.64 -14.50
N ILE A 218 2.01 4.46 -15.10
CA ILE A 218 1.97 4.34 -16.54
C ILE A 218 0.71 3.55 -16.91
N ILE A 219 0.00 4.05 -17.92
CA ILE A 219 -1.26 3.45 -18.35
C ILE A 219 -1.25 3.23 -19.86
N ALA A 220 -1.99 2.22 -20.30
CA ALA A 220 -2.31 2.06 -21.72
C ALA A 220 -3.80 2.32 -21.93
N ASN A 221 -4.11 3.19 -22.90
CA ASN A 221 -5.49 3.55 -23.21
C ASN A 221 -5.95 3.00 -24.56
N GLN A 222 -7.01 2.20 -24.53
CA GLN A 222 -7.64 1.71 -25.74
C GLN A 222 -9.00 2.38 -25.92
N TRP A 223 -9.04 3.35 -26.83
CA TRP A 223 -10.27 4.07 -27.12
C TRP A 223 -11.06 3.37 -28.23
N ILE A 224 -12.39 3.49 -28.14
CA ILE A 224 -13.33 2.73 -28.96
C ILE A 224 -14.31 3.71 -29.59
N ARG A 225 -14.29 3.79 -30.92
CA ARG A 225 -15.08 4.78 -31.65
C ARG A 225 -16.26 4.17 -32.36
N ALA A 226 -17.34 4.95 -32.48
CA ALA A 226 -18.45 4.57 -33.34
C ALA A 226 -18.00 4.60 -34.81
N VAL A 227 -18.79 3.98 -35.67
CA VAL A 227 -18.51 3.93 -37.10
C VAL A 227 -19.57 4.73 -37.87
N SER B 19 2.85 -10.23 37.07
CA SER B 19 1.87 -11.26 37.54
C SER B 19 0.59 -11.23 36.72
N HIS B 20 -0.26 -10.23 36.99
CA HIS B 20 -1.53 -10.10 36.27
C HIS B 20 -2.34 -11.40 36.36
N MET B 21 -2.44 -11.93 37.58
CA MET B 21 -3.22 -13.13 37.88
C MET B 21 -4.42 -12.76 38.75
N GLU B 22 -5.60 -13.25 38.39
CA GLU B 22 -6.79 -13.01 39.19
C GLU B 22 -6.70 -13.70 40.54
N GLY B 23 -6.27 -14.96 40.53
CA GLY B 23 -6.04 -15.69 41.75
C GLY B 23 -4.77 -15.20 42.42
N PHE B 24 -4.77 -15.10 43.74
CA PHE B 24 -3.61 -14.57 44.44
C PHE B 24 -2.38 -15.46 44.26
N GLU B 25 -1.28 -14.85 43.88
CA GLU B 25 0.00 -15.53 43.82
C GLU B 25 1.08 -14.59 44.35
N THR B 26 1.95 -15.12 45.21
CA THR B 26 2.98 -14.29 45.85
C THR B 26 4.12 -14.03 44.86
N SER B 27 4.70 -12.85 44.92
CA SER B 27 5.74 -12.46 43.99
C SER B 27 6.94 -11.82 44.69
N ASP B 28 8.13 -12.30 44.35
CA ASP B 28 9.38 -11.74 44.86
C ASP B 28 10.34 -11.55 43.69
N ARG B 29 9.83 -11.00 42.60
CA ARG B 29 10.61 -10.80 41.38
C ARG B 29 11.13 -9.37 41.29
N PRO B 30 12.16 -9.14 40.45
CA PRO B 30 12.68 -7.78 40.27
C PRO B 30 11.66 -6.86 39.60
N GLY B 31 11.59 -5.62 40.05
CA GLY B 31 10.67 -4.66 39.47
C GLY B 31 11.19 -4.09 38.16
N VAL B 32 10.29 -4.00 37.18
CA VAL B 32 10.63 -3.41 35.89
C VAL B 32 10.62 -1.89 36.06
N CYS B 33 11.33 -1.19 35.16
CA CYS B 33 11.43 0.27 35.18
C CYS B 33 10.07 0.97 35.25
N ASP B 34 9.87 1.74 36.32
CA ASP B 34 8.66 2.54 36.53
C ASP B 34 7.39 1.68 36.58
N GLY B 35 7.57 0.36 36.76
CA GLY B 35 6.44 -0.56 36.78
C GLY B 35 5.73 -0.69 35.44
N LYS B 36 6.40 -0.25 34.38
CA LYS B 36 5.83 -0.28 33.04
C LYS B 36 6.60 -1.22 32.11
N TYR B 37 6.04 -2.38 31.81
CA TYR B 37 6.68 -3.34 30.91
C TYR B 37 6.66 -2.84 29.47
N TYR B 38 5.60 -2.13 29.10
CA TYR B 38 5.49 -1.55 27.77
C TYR B 38 4.91 -0.14 27.84
N GLU B 39 5.18 0.64 26.80
CA GLU B 39 4.60 1.99 26.68
C GLU B 39 4.29 2.27 25.21
N LYS B 40 3.13 2.87 24.98
CA LYS B 40 2.65 3.17 23.62
C LYS B 40 2.78 4.68 23.33
N ILE B 41 3.25 5.01 22.13
CA ILE B 41 3.38 6.40 21.70
C ILE B 41 2.78 6.58 20.31
N ASP B 42 1.61 7.21 20.25
CA ASP B 42 0.96 7.48 18.98
C ASP B 42 1.64 8.66 18.27
N GLY B 43 1.83 8.54 16.97
CA GLY B 43 2.42 9.61 16.18
C GLY B 43 3.93 9.70 16.29
N PHE B 44 4.54 8.60 16.72
CA PHE B 44 6.00 8.49 16.82
C PHE B 44 6.65 8.86 15.48
N LEU B 45 6.05 8.36 14.40
CA LEU B 45 6.35 8.80 13.04
C LEU B 45 5.09 9.36 12.41
N SER B 46 5.24 10.22 11.42
CA SER B 46 4.08 10.71 10.68
C SER B 46 3.67 9.64 9.67
N ASP B 47 2.42 9.72 9.20
CA ASP B 47 1.93 8.77 8.21
C ASP B 47 2.80 8.81 6.96
N ILE B 48 3.16 10.03 6.54
CA ILE B 48 3.98 10.23 5.35
C ILE B 48 5.34 9.57 5.54
N GLU B 49 5.91 9.73 6.73
CA GLU B 49 7.23 9.16 7.05
C GLU B 49 7.17 7.63 7.03
N CYS B 50 6.09 7.08 7.54
CA CYS B 50 5.90 5.64 7.51
C CYS B 50 5.97 5.10 6.08
N ASP B 51 5.27 5.77 5.17
CA ASP B 51 5.20 5.28 3.79
C ASP B 51 6.51 5.49 3.04
N VAL B 52 7.20 6.58 3.34
CA VAL B 52 8.52 6.82 2.76
C VAL B 52 9.41 5.62 3.09
N LEU B 53 9.42 5.23 4.35
CA LEU B 53 10.27 4.14 4.81
C LEU B 53 9.87 2.81 4.15
N ILE B 54 8.57 2.54 4.05
CA ILE B 54 8.10 1.31 3.41
C ILE B 54 8.63 1.22 1.98
N ASN B 55 8.52 2.33 1.24
CA ASN B 55 8.98 2.33 -0.14
C ASN B 55 10.50 2.15 -0.24
N ALA B 56 11.23 2.70 0.73
CA ALA B 56 12.67 2.50 0.80
C ALA B 56 12.99 1.03 1.08
N ALA B 57 12.24 0.43 2.01
CA ALA B 57 12.40 -0.99 2.36
C ALA B 57 12.07 -1.90 1.18
N ILE B 58 11.06 -1.54 0.40
CA ILE B 58 10.66 -2.34 -0.75
C ILE B 58 11.79 -2.33 -1.80
N LYS B 59 12.39 -1.16 -2.01
CA LYS B 59 13.52 -1.03 -2.93
C LYS B 59 14.69 -1.92 -2.53
N LYS B 60 14.78 -2.22 -1.23
CA LYS B 60 15.87 -3.05 -0.69
C LYS B 60 15.56 -4.54 -0.67
N GLY B 61 14.35 -4.91 -1.11
CA GLY B 61 13.98 -6.31 -1.24
C GLY B 61 13.08 -6.87 -0.17
N LEU B 62 12.38 -6.00 0.55
CA LEU B 62 11.47 -6.43 1.62
C LEU B 62 10.56 -7.56 1.15
N ILE B 63 10.00 -7.39 -0.04
CA ILE B 63 8.99 -8.31 -0.56
C ILE B 63 9.67 -9.36 -1.45
N LYS B 64 9.23 -10.61 -1.32
CA LYS B 64 9.78 -11.69 -2.14
C LYS B 64 9.11 -11.70 -3.50
N SER B 85 11.84 -15.20 5.82
CA SER B 85 10.94 -14.13 6.20
C SER B 85 11.12 -12.91 5.29
N GLU B 86 10.17 -12.00 5.35
CA GLU B 86 10.26 -10.74 4.61
C GLU B 86 10.75 -9.65 5.53
N GLN B 87 12.00 -9.26 5.33
CA GLN B 87 12.64 -8.29 6.19
C GLN B 87 13.84 -7.68 5.48
N THR B 88 14.19 -6.47 5.87
CA THR B 88 15.42 -5.84 5.43
C THR B 88 15.92 -4.95 6.56
N TRP B 89 17.21 -4.61 6.52
CA TRP B 89 17.88 -3.85 7.57
C TRP B 89 18.58 -2.64 6.98
N PHE B 90 18.74 -1.60 7.80
CA PHE B 90 19.34 -0.34 7.36
C PHE B 90 20.63 -0.02 8.11
N MET B 91 21.59 0.59 7.43
CA MET B 91 22.76 1.16 8.09
C MET B 91 22.39 2.48 8.76
N PRO B 92 23.16 2.88 9.77
CA PRO B 92 22.94 4.25 10.23
C PRO B 92 23.32 5.23 9.12
N GLY B 93 22.56 6.30 8.96
CA GLY B 93 22.82 7.28 7.91
C GLY B 93 22.22 6.92 6.57
N GLU B 94 21.78 5.67 6.43
CA GLU B 94 21.22 5.20 5.15
C GLU B 94 19.94 5.93 4.81
N HIS B 95 19.09 6.18 5.81
CA HIS B 95 17.77 6.74 5.57
C HIS B 95 17.32 7.67 6.70
N GLU B 96 16.81 8.82 6.32
CA GLU B 96 16.45 9.86 7.29
C GLU B 96 15.37 9.41 8.28
N VAL B 97 14.44 8.57 7.85
CA VAL B 97 13.36 8.11 8.73
C VAL B 97 13.89 7.12 9.77
N ILE B 98 14.81 6.28 9.34
CA ILE B 98 15.49 5.35 10.23
C ILE B 98 16.28 6.11 11.27
N ASP B 99 17.06 7.10 10.82
CA ASP B 99 17.85 7.94 11.72
C ASP B 99 16.94 8.63 12.75
N LYS B 100 15.72 9.00 12.33
CA LYS B 100 14.75 9.61 13.24
C LYS B 100 14.26 8.62 14.31
N ILE B 101 13.98 7.38 13.91
CA ILE B 101 13.59 6.33 14.85
C ILE B 101 14.66 6.17 15.92
N GLN B 102 15.92 6.17 15.51
CA GLN B 102 17.03 5.96 16.43
C GLN B 102 17.23 7.19 17.32
N LYS B 103 17.06 8.38 16.74
CA LYS B 103 17.17 9.62 17.48
C LYS B 103 16.10 9.72 18.56
N LYS B 104 14.86 9.41 18.20
CA LYS B 104 13.76 9.53 19.15
C LYS B 104 13.77 8.39 20.17
N THR B 105 14.38 7.26 19.84
CA THR B 105 14.51 6.16 20.78
C THR B 105 15.49 6.56 21.88
N ARG B 106 16.56 7.23 21.47
CA ARG B 106 17.57 7.72 22.40
C ARG B 106 17.00 8.81 23.30
N GLU B 107 16.25 9.73 22.71
CA GLU B 107 15.61 10.79 23.47
C GLU B 107 14.70 10.22 24.54
N PHE B 108 13.96 9.18 24.20
CA PHE B 108 13.08 8.52 25.17
C PHE B 108 13.90 7.84 26.27
N LEU B 109 15.01 7.20 25.90
CA LEU B 109 15.84 6.51 26.88
C LEU B 109 16.56 7.47 27.81
N ASN B 110 16.78 8.71 27.35
CA ASN B 110 17.36 9.75 28.20
C ASN B 110 16.52 9.95 29.45
N SER B 111 15.22 9.68 29.33
CA SER B 111 14.29 9.88 30.42
C SER B 111 14.26 8.69 31.38
N LYS B 112 15.00 7.64 31.04
CA LYS B 112 15.01 6.39 31.82
C LYS B 112 16.37 6.11 32.45
N LYS B 113 17.19 7.14 32.65
CA LYS B 113 18.57 6.91 33.08
C LYS B 113 18.65 6.27 34.46
N HIS B 114 17.56 6.36 35.24
CA HIS B 114 17.53 5.69 36.53
C HIS B 114 17.31 4.19 36.36
N CYS B 115 17.03 3.78 35.12
CA CYS B 115 16.76 2.38 34.81
C CYS B 115 17.82 1.75 33.92
N ILE B 116 18.47 2.57 33.10
CA ILE B 116 19.46 2.07 32.16
C ILE B 116 20.54 3.11 31.95
N ASP B 117 21.80 2.69 32.02
CA ASP B 117 22.91 3.60 31.76
C ASP B 117 23.45 3.43 30.34
N LYS B 118 24.30 2.44 30.12
CA LYS B 118 24.92 2.24 28.81
C LYS B 118 24.12 1.27 27.94
N TYR B 119 24.04 1.58 26.65
CA TYR B 119 23.38 0.70 25.69
C TYR B 119 23.89 0.97 24.27
N ASN B 120 23.73 -0.02 23.41
CA ASN B 120 24.04 0.11 21.99
C ASN B 120 22.81 -0.23 21.15
N PHE B 121 22.59 0.53 20.08
CA PHE B 121 21.51 0.25 19.14
C PHE B 121 21.95 -0.76 18.08
N GLU B 122 21.08 -1.71 17.77
CA GLU B 122 21.26 -2.53 16.59
C GLU B 122 20.83 -1.70 15.39
N ASP B 123 21.29 -2.07 14.20
CA ASP B 123 20.69 -1.54 12.98
C ASP B 123 19.20 -1.83 12.99
N VAL B 124 18.41 -0.94 12.39
CA VAL B 124 16.95 -1.08 12.38
C VAL B 124 16.50 -2.14 11.37
N GLN B 125 15.56 -2.99 11.81
CA GLN B 125 14.94 -3.99 10.95
C GLN B 125 13.55 -3.54 10.51
N VAL B 126 13.21 -3.77 9.24
CA VAL B 126 11.85 -3.59 8.76
C VAL B 126 11.33 -4.97 8.35
N ALA B 127 10.19 -5.36 8.92
CA ALA B 127 9.60 -6.66 8.64
C ALA B 127 8.17 -6.54 8.14
N ARG B 128 7.74 -7.51 7.34
CA ARG B 128 6.40 -7.52 6.76
C ARG B 128 5.65 -8.80 7.10
N TYR B 129 4.35 -8.66 7.34
CA TYR B 129 3.50 -9.79 7.70
C TYR B 129 2.25 -9.79 6.84
N LYS B 130 1.89 -10.98 6.35
CA LYS B 130 0.72 -11.15 5.51
C LYS B 130 -0.15 -12.30 6.05
N PRO B 131 -1.37 -12.43 5.53
CA PRO B 131 -2.24 -13.50 6.04
C PRO B 131 -1.67 -14.91 5.82
N GLY B 132 -2.00 -15.83 6.74
CA GLY B 132 -1.67 -17.23 6.59
C GLY B 132 -0.28 -17.63 7.07
N GLN B 133 0.51 -16.64 7.46
CA GLN B 133 1.91 -16.88 7.84
C GLN B 133 2.07 -17.57 9.20
N TYR B 134 3.24 -18.16 9.39
CA TYR B 134 3.57 -18.84 10.63
C TYR B 134 3.95 -17.83 11.72
N TYR B 135 3.53 -18.10 12.96
CA TYR B 135 3.79 -17.20 14.08
C TYR B 135 3.97 -18.02 15.35
N TYR B 136 4.65 -17.46 16.34
CA TYR B 136 4.79 -18.12 17.63
C TYR B 136 5.35 -17.15 18.67
N HIS B 137 4.93 -17.35 19.92
CA HIS B 137 5.37 -16.50 21.01
C HIS B 137 6.82 -16.76 21.39
N HIS B 138 7.53 -15.69 21.76
CA HIS B 138 8.96 -15.75 22.00
C HIS B 138 9.43 -14.56 22.83
N TYR B 139 10.70 -14.61 23.22
CA TYR B 139 11.38 -13.47 23.84
C TYR B 139 12.39 -12.92 22.82
N ASP B 140 12.62 -11.61 22.86
CA ASP B 140 13.58 -11.00 21.94
C ASP B 140 15.04 -11.19 22.40
N GLY B 141 15.21 -11.63 23.65
CA GLY B 141 16.55 -11.81 24.21
C GLY B 141 16.89 -13.26 24.49
N ASP B 142 18.10 -13.49 24.99
CA ASP B 142 18.56 -14.84 25.35
C ASP B 142 18.02 -15.23 26.71
N ASP B 143 17.38 -16.40 26.79
CA ASP B 143 16.89 -16.90 28.06
C ASP B 143 18.07 -17.49 28.83
N CYS B 144 18.66 -16.65 29.68
CA CYS B 144 19.89 -17.00 30.37
C CYS B 144 19.68 -16.98 31.88
N ASP B 145 20.57 -17.65 32.60
CA ASP B 145 20.53 -17.67 34.05
C ASP B 145 21.92 -17.40 34.62
N ASP B 146 22.82 -18.35 34.44
CA ASP B 146 24.16 -18.26 35.03
C ASP B 146 25.16 -17.60 34.09
N ALA B 147 24.82 -17.52 32.81
CA ALA B 147 25.77 -17.04 31.81
C ALA B 147 25.11 -16.09 30.81
N CYS B 148 24.59 -14.98 31.31
CA CYS B 148 23.90 -14.02 30.46
C CYS B 148 24.89 -13.24 29.58
N PRO B 149 24.64 -13.19 28.26
CA PRO B 149 25.55 -12.52 27.34
C PRO B 149 25.72 -11.03 27.65
N LYS B 150 26.93 -10.52 27.51
CA LYS B 150 27.21 -9.13 27.85
C LYS B 150 26.49 -8.15 26.91
N ASP B 151 26.08 -8.64 25.74
CA ASP B 151 25.37 -7.79 24.78
C ASP B 151 23.89 -8.20 24.65
N GLN B 152 23.35 -8.70 25.74
CA GLN B 152 21.94 -9.05 25.82
C GLN B 152 21.04 -7.92 25.35
N ARG B 153 19.99 -8.24 24.60
CA ARG B 153 18.98 -7.25 24.26
C ARG B 153 18.21 -6.90 25.53
N LEU B 154 18.19 -5.61 25.86
CA LEU B 154 17.49 -5.13 27.06
C LEU B 154 16.09 -4.61 26.76
N ALA B 155 15.89 -4.11 25.55
CA ALA B 155 14.60 -3.53 25.20
C ALA B 155 14.35 -3.54 23.70
N THR B 156 13.08 -3.38 23.36
CA THR B 156 12.63 -3.27 21.98
C THR B 156 11.77 -2.03 21.83
N LEU B 157 12.01 -1.28 20.77
CA LEU B 157 11.08 -0.25 20.34
C LEU B 157 10.65 -0.57 18.92
N MET B 158 9.35 -0.79 18.75
CA MET B 158 8.78 -1.13 17.46
C MET B 158 7.84 -0.02 16.99
N VAL B 159 7.88 0.27 15.69
CA VAL B 159 6.94 1.21 15.09
C VAL B 159 6.08 0.48 14.06
N TYR B 160 4.77 0.70 14.12
CA TYR B 160 3.86 0.22 13.07
C TYR B 160 3.93 1.16 11.87
N LEU B 161 4.50 0.70 10.76
CA LEU B 161 4.55 1.50 9.55
C LEU B 161 3.30 1.34 8.71
N LYS B 162 2.66 0.17 8.84
CA LYS B 162 1.42 -0.13 8.15
C LYS B 162 0.60 -1.10 8.99
N ALA B 163 -0.66 -0.77 9.18
CA ALA B 163 -1.61 -1.57 9.95
C ALA B 163 -2.46 -2.46 9.06
N PRO B 164 -2.94 -3.59 9.62
CA PRO B 164 -3.92 -4.39 8.87
C PRO B 164 -5.19 -3.60 8.54
N GLU B 165 -6.02 -4.19 7.68
CA GLU B 165 -7.26 -3.56 7.27
C GLU B 165 -8.32 -3.73 8.36
N GLU B 166 -9.54 -3.29 8.07
CA GLU B 166 -10.65 -3.46 9.00
C GLU B 166 -10.90 -4.94 9.23
N GLY B 167 -10.98 -5.34 10.49
CA GLY B 167 -11.10 -6.74 10.86
C GLY B 167 -9.90 -7.57 10.43
N GLY B 168 -8.71 -6.96 10.48
CA GLY B 168 -7.53 -7.56 9.92
C GLY B 168 -6.58 -8.23 10.91
N GLY B 169 -6.96 -8.28 12.18
CA GLY B 169 -6.14 -8.91 13.19
C GLY B 169 -4.74 -8.33 13.32
N GLY B 170 -3.74 -9.20 13.32
CA GLY B 170 -2.35 -8.78 13.35
C GLY B 170 -1.91 -8.03 14.59
N GLU B 171 -2.57 -8.27 15.72
CA GLU B 171 -2.24 -7.57 16.96
C GLU B 171 -0.91 -8.04 17.53
N THR B 172 -0.30 -7.18 18.35
CA THR B 172 0.87 -7.58 19.11
C THR B 172 0.40 -8.12 20.44
N ASP B 173 0.63 -9.40 20.65
CA ASP B 173 0.08 -10.14 21.79
C ASP B 173 1.11 -10.32 22.90
N PHE B 174 0.75 -9.88 24.10
CA PHE B 174 1.52 -10.13 25.32
C PHE B 174 0.69 -11.03 26.24
N PRO B 175 0.71 -12.35 26.01
CA PRO B 175 -0.23 -13.24 26.71
C PRO B 175 -0.05 -13.32 28.23
N THR B 176 1.19 -13.17 28.70
CA THR B 176 1.46 -13.24 30.13
C THR B 176 0.98 -11.97 30.84
N LEU B 177 1.03 -10.83 30.13
CA LEU B 177 0.51 -9.57 30.67
C LEU B 177 -0.99 -9.46 30.44
N LYS B 178 -1.54 -10.34 29.61
CA LYS B 178 -2.97 -10.37 29.28
C LYS B 178 -3.40 -9.09 28.58
N THR B 179 -2.68 -8.73 27.52
CA THR B 179 -3.08 -7.61 26.69
C THR B 179 -2.62 -7.83 25.25
N LYS B 180 -3.43 -7.34 24.32
CA LYS B 180 -3.03 -7.17 22.94
C LYS B 180 -2.82 -5.69 22.68
N ILE B 181 -2.12 -5.38 21.61
CA ILE B 181 -2.04 -4.00 21.13
C ILE B 181 -2.45 -3.99 19.66
N LYS B 182 -3.36 -3.09 19.33
CA LYS B 182 -3.88 -2.95 17.98
C LYS B 182 -2.92 -2.11 17.13
N PRO B 183 -2.49 -2.66 15.97
CA PRO B 183 -1.59 -1.84 15.16
C PRO B 183 -2.23 -0.53 14.73
N LYS B 184 -1.42 0.53 14.72
CA LYS B 184 -1.87 1.85 14.30
C LYS B 184 -0.69 2.54 13.64
N LYS B 185 -0.90 3.00 12.41
CA LYS B 185 0.12 3.65 11.61
C LYS B 185 0.79 4.79 12.38
N GLY B 186 2.12 4.71 12.52
CA GLY B 186 2.88 5.75 13.18
C GLY B 186 3.07 5.55 14.68
N THR B 187 2.32 4.63 15.26
CA THR B 187 2.40 4.34 16.69
C THR B 187 3.59 3.44 17.02
N SER B 188 4.33 3.80 18.06
CA SER B 188 5.42 2.95 18.54
C SER B 188 5.04 2.26 19.85
N ILE B 189 5.55 1.05 20.03
CA ILE B 189 5.48 0.36 21.31
C ILE B 189 6.91 0.11 21.76
N PHE B 190 7.23 0.56 22.96
CA PHE B 190 8.50 0.25 23.64
C PHE B 190 8.24 -0.81 24.69
N PHE B 191 8.99 -1.90 24.68
CA PHE B 191 8.88 -2.87 25.77
C PHE B 191 10.23 -3.41 26.22
N TRP B 192 10.31 -3.67 27.52
CA TRP B 192 11.53 -4.18 28.14
C TRP B 192 11.68 -5.65 27.85
N VAL B 193 12.92 -6.06 27.57
CA VAL B 193 13.23 -7.45 27.23
C VAL B 193 14.02 -8.11 28.36
N ALA B 194 14.94 -7.38 28.96
CA ALA B 194 15.78 -7.94 30.02
C ALA B 194 16.15 -6.89 31.05
N ASP B 195 16.46 -7.35 32.26
CA ASP B 195 16.88 -6.48 33.35
C ASP B 195 18.24 -5.86 33.04
N PRO B 196 18.35 -4.52 33.02
CA PRO B 196 19.63 -3.90 32.67
C PRO B 196 20.79 -4.22 33.62
N VAL B 197 20.50 -4.78 34.79
CA VAL B 197 21.55 -5.13 35.73
C VAL B 197 22.01 -6.57 35.49
N THR B 198 21.08 -7.51 35.61
CA THR B 198 21.40 -8.93 35.52
C THR B 198 21.46 -9.44 34.08
N ARG B 199 20.75 -8.75 33.19
CA ARG B 199 20.57 -9.15 31.80
C ARG B 199 19.73 -10.43 31.65
N LYS B 200 19.01 -10.77 32.72
CA LYS B 200 18.06 -11.87 32.67
C LYS B 200 16.71 -11.37 32.14
N LEU B 201 16.06 -12.17 31.31
CA LEU B 201 14.80 -11.78 30.68
C LEU B 201 13.69 -11.42 31.67
N TYR B 202 12.91 -10.40 31.29
CA TYR B 202 11.56 -10.25 31.82
C TYR B 202 10.66 -11.19 31.01
N LYS B 203 10.32 -12.33 31.57
CA LYS B 203 9.52 -13.29 30.84
C LYS B 203 8.07 -12.83 30.70
N GLU B 204 7.73 -11.75 31.40
CA GLU B 204 6.43 -11.13 31.27
C GLU B 204 6.19 -10.55 29.87
N THR B 205 7.26 -10.31 29.12
CA THR B 205 7.11 -9.70 27.80
C THR B 205 7.27 -10.71 26.66
N LEU B 206 7.06 -11.99 26.98
CA LEU B 206 6.72 -12.98 25.96
C LEU B 206 5.70 -12.37 25.00
N HIS B 207 5.90 -12.54 23.70
CA HIS B 207 5.03 -11.90 22.72
C HIS B 207 5.05 -12.57 21.36
N ALA B 208 4.04 -12.23 20.56
CA ALA B 208 3.97 -12.62 19.16
C ALA B 208 3.12 -11.60 18.39
N GLY B 209 3.32 -11.53 17.08
CA GLY B 209 2.36 -10.87 16.22
C GLY B 209 1.33 -11.90 15.81
N LEU B 210 0.06 -11.62 16.09
CA LEU B 210 -0.99 -12.57 15.77
C LEU B 210 -1.24 -12.57 14.26
N PRO B 211 -1.89 -13.63 13.75
CA PRO B 211 -2.15 -13.71 12.30
C PRO B 211 -2.82 -12.45 11.74
N VAL B 212 -2.30 -11.97 10.62
CA VAL B 212 -2.96 -10.92 9.85
C VAL B 212 -4.12 -11.59 9.11
N LYS B 213 -5.30 -10.98 9.19
CA LYS B 213 -6.50 -11.58 8.61
C LYS B 213 -6.85 -10.92 7.27
N SER B 214 -6.58 -9.62 7.19
CA SER B 214 -6.91 -8.85 6.01
C SER B 214 -5.85 -7.76 5.86
N GLY B 215 -5.30 -7.65 4.65
CA GLY B 215 -4.30 -6.64 4.37
C GLY B 215 -2.89 -7.08 4.72
N GLU B 216 -2.09 -6.16 5.27
CA GLU B 216 -0.73 -6.47 5.67
C GLU B 216 -0.31 -5.63 6.86
N LYS B 217 0.79 -6.04 7.50
CA LYS B 217 1.39 -5.30 8.59
C LYS B 217 2.87 -5.12 8.29
N ILE B 218 3.37 -3.92 8.51
CA ILE B 218 4.80 -3.65 8.36
C ILE B 218 5.28 -2.91 9.61
N ILE B 219 6.38 -3.38 10.18
CA ILE B 219 6.90 -2.78 11.38
C ILE B 219 8.39 -2.48 11.23
N ALA B 220 8.85 -1.48 11.99
CA ALA B 220 10.27 -1.22 12.14
C ALA B 220 10.67 -1.56 13.58
N ASN B 221 11.75 -2.33 13.72
CA ASN B 221 12.23 -2.77 15.02
C ASN B 221 13.59 -2.18 15.37
N GLN B 222 13.64 -1.45 16.47
CA GLN B 222 14.88 -0.97 17.06
C GLN B 222 15.22 -1.78 18.32
N TRP B 223 16.17 -2.70 18.19
CA TRP B 223 16.62 -3.49 19.34
C TRP B 223 17.76 -2.77 20.05
N ILE B 224 17.78 -2.92 21.36
CA ILE B 224 18.67 -2.17 22.25
C ILE B 224 19.46 -3.18 23.08
N ARG B 225 20.78 -3.14 22.98
CA ARG B 225 21.63 -4.13 23.65
C ARG B 225 22.48 -3.55 24.77
N ALA B 226 22.74 -4.38 25.76
CA ALA B 226 23.66 -4.05 26.83
C ALA B 226 25.07 -3.87 26.25
N VAL B 227 25.96 -3.27 27.03
CA VAL B 227 27.31 -2.95 26.60
C VAL B 227 28.32 -3.76 27.42
N LYS B 228 29.23 -4.43 26.72
CA LYS B 228 30.35 -5.10 27.38
C LYS B 228 31.44 -4.09 27.72
MN MN C . -9.38 10.47 -20.00
UNK UNX D . -5.85 7.37 -13.80
UNK UNX E . -4.61 7.91 -14.94
UNK UNX F . -6.54 7.89 -15.49
UNK UNX G . -6.72 8.40 -16.97
UNK UNX H . -4.57 9.98 -16.75
UNK UNX I . -6.28 9.11 -16.96
C ACT J . 6.09 -13.26 15.13
O ACT J . 5.92 -12.86 16.27
OXT ACT J . 6.03 -12.54 14.07
CH3 ACT J . 6.39 -14.70 14.84
UNK UNX K . 6.97 -9.75 15.61
UNK UNX L . 6.69 -8.07 16.65
UNK UNX M . 4.80 -7.64 16.66
UNK UNX N . 2.70 -7.14 16.29
UNK UNX O . 4.26 -8.22 15.08
MN MN P . 9.90 -10.26 18.85
#